data_3DY9
#
_entry.id   3DY9
#
_cell.length_a   50.757
_cell.length_b   66.062
_cell.length_c   52.387
_cell.angle_alpha   90.000
_cell.angle_beta   113.270
_cell.angle_gamma   90.000
#
_symmetry.space_group_name_H-M   'P 1 21 1'
#
loop_
_entity.id
_entity.type
_entity.pdbx_description
1 polymer 'D7 protein'
2 non-polymer 'BROMIDE ION'
3 non-polymer 2-AMINO-2-HYDROXYMETHYL-PROPANE-1,3-DIOL
4 non-polymer GLYCEROL
5 water water
#
_entity_poly.entity_id   1
_entity_poly.type   'polypeptide(L)'
_entity_poly.pdbx_seq_one_letter_code
;MGPFDPEEMLFIFTRCMEDNLEDGANRLPMLAKWKEWINEPVDSPATQCFGKCVLVRTGLYDPVAQKFDASVIQEQFKAY
PSLGEKSKVEAYANAVKQLPSTNNDCAAVFKAYDPVHKAHKDTSKNLFHGNKELTKGLYEKLGKDIRQKKQSYFEFCENK
YYPAGSDKRQQLCQIRQYTVLDDALFKEHTDCVMKGIRYITKDNQLDVEEVKRDFKLVNKDTKALEEVLNDCKSKEPSNA
KEKSWHYYKCLVESSVKDDFKEAFDYREVRSQIYAFNLPKNQAYSKPAVQSQVMEIDGKQCPQ
;
_entity_poly.pdbx_strand_id   A
#
# COMPACT_ATOMS: atom_id res chain seq x y z
N MET A 1 2.39 -11.34 -1.51
CA MET A 1 3.71 -11.71 -0.95
C MET A 1 3.79 -11.46 0.56
N GLY A 2 3.22 -12.37 1.35
CA GLY A 2 3.18 -12.31 2.81
C GLY A 2 4.45 -12.77 3.52
N PRO A 3 4.48 -12.67 4.87
CA PRO A 3 3.40 -12.17 5.71
C PRO A 3 3.24 -10.65 5.57
N PHE A 4 2.12 -10.14 6.10
CA PHE A 4 1.79 -8.73 6.04
C PHE A 4 1.68 -8.13 7.42
N ASP A 5 2.32 -6.98 7.61
CA ASP A 5 2.16 -6.24 8.87
C ASP A 5 0.89 -5.37 8.83
N PRO A 6 0.52 -4.72 9.96
CA PRO A 6 -0.72 -3.96 9.98
C PRO A 6 -0.85 -2.87 8.90
N GLU A 7 0.25 -2.18 8.63
CA GLU A 7 0.28 -1.15 7.59
C GLU A 7 0.06 -1.75 6.21
N GLU A 8 0.63 -2.93 5.99
CA GLU A 8 0.53 -3.58 4.69
C GLU A 8 -0.89 -4.02 4.43
N MET A 9 -1.56 -4.54 5.46
CA MET A 9 -2.95 -4.92 5.31
C MET A 9 -3.82 -3.68 5.14
N LEU A 10 -3.51 -2.63 5.89
CA LEU A 10 -4.24 -1.36 5.80
C LEU A 10 -4.14 -0.84 4.39
N PHE A 11 -2.94 -0.88 3.81
CA PHE A 11 -2.73 -0.44 2.44
C PHE A 11 -3.60 -1.24 1.47
N ILE A 12 -3.60 -2.56 1.62
CA ILE A 12 -4.38 -3.44 0.76
C ILE A 12 -5.87 -3.15 0.86
N PHE A 13 -6.40 -3.07 2.08
CA PHE A 13 -7.86 -2.87 2.26
C PHE A 13 -8.29 -1.53 1.67
N THR A 14 -7.57 -0.46 2.03
CA THR A 14 -7.92 0.89 1.59
C THR A 14 -7.79 1.06 0.07
N ARG A 15 -6.73 0.53 -0.51
CA ARG A 15 -6.57 0.53 -1.98
C ARG A 15 -7.70 -0.23 -2.68
N CYS A 16 -8.04 -1.42 -2.20
CA CYS A 16 -9.12 -2.20 -2.81
C CYS A 16 -10.46 -1.48 -2.67
N MET A 17 -10.71 -0.84 -1.52
CA MET A 17 -11.93 -0.04 -1.39
C MET A 17 -11.92 1.16 -2.33
N GLU A 18 -10.77 1.84 -2.43
CA GLU A 18 -10.69 3.04 -3.29
C GLU A 18 -11.06 2.65 -4.72
N ASP A 19 -10.55 1.50 -5.17
CA ASP A 19 -10.70 1.02 -6.55
C ASP A 19 -12.06 0.38 -6.85
N ASN A 20 -12.81 0.02 -5.81
CA ASN A 20 -14.01 -0.80 -6.02
C ASN A 20 -15.33 -0.28 -5.46
N LEU A 21 -15.26 0.69 -4.54
CA LEU A 21 -16.49 1.31 -4.01
C LEU A 21 -17.27 1.95 -5.15
N GLU A 22 -18.59 1.83 -5.09
CA GLU A 22 -19.45 2.58 -6.01
C GLU A 22 -19.33 4.09 -5.71
N ASP A 23 -19.74 4.91 -6.69
CA ASP A 23 -19.68 6.37 -6.59
C ASP A 23 -20.97 7.09 -6.27
N GLY A 24 -22.07 6.38 -6.12
CA GLY A 24 -23.34 7.03 -5.84
C GLY A 24 -23.83 6.90 -4.41
N ALA A 25 -25.14 6.76 -4.28
CA ALA A 25 -25.80 6.59 -2.99
C ALA A 25 -25.31 5.40 -2.16
N ASN A 26 -24.83 4.32 -2.82
CA ASN A 26 -24.42 3.11 -2.09
C ASN A 26 -23.03 3.18 -1.48
N ARG A 27 -22.27 4.24 -1.80
CA ARG A 27 -20.86 4.34 -1.37
C ARG A 27 -20.65 4.34 0.15
N LEU A 28 -21.31 5.24 0.86
CA LEU A 28 -21.14 5.29 2.32
C LEU A 28 -21.67 4.03 3.03
N PRO A 29 -22.88 3.52 2.66
CA PRO A 29 -23.35 2.25 3.24
C PRO A 29 -22.42 1.06 2.95
N MET A 30 -21.87 1.00 1.75
CA MET A 30 -20.96 -0.08 1.37
C MET A 30 -19.69 0.01 2.19
N LEU A 31 -19.11 1.21 2.21
CA LEU A 31 -17.88 1.47 2.96
C LEU A 31 -18.02 1.07 4.43
N ALA A 32 -19.16 1.40 5.02
CA ALA A 32 -19.42 1.12 6.44
C ALA A 32 -19.43 -0.38 6.72
N LYS A 33 -19.96 -1.15 5.79
CA LYS A 33 -19.98 -2.60 5.92
C LYS A 33 -18.59 -3.21 5.66
N TRP A 34 -17.98 -2.83 4.55
CA TRP A 34 -16.70 -3.44 4.17
C TRP A 34 -15.64 -3.21 5.25
N LYS A 35 -15.63 -2.00 5.82
CA LYS A 35 -14.71 -1.63 6.91
C LYS A 35 -14.78 -2.56 8.10
N GLU A 36 -15.96 -3.15 8.31
CA GLU A 36 -16.18 -4.04 9.45
C GLU A 36 -16.07 -5.51 9.04
N TRP A 37 -15.56 -5.77 7.84
CA TRP A 37 -15.38 -7.12 7.32
C TRP A 37 -16.76 -7.77 7.01
N ILE A 38 -17.73 -6.92 6.69
CA ILE A 38 -19.04 -7.37 6.24
C ILE A 38 -19.03 -7.19 4.73
N ASN A 39 -18.84 -8.30 4.01
CA ASN A 39 -18.71 -8.25 2.56
C ASN A 39 -20.08 -8.37 1.92
N GLU A 40 -20.75 -7.24 1.90
CA GLU A 40 -22.12 -7.13 1.44
C GLU A 40 -22.26 -5.80 0.72
N PRO A 41 -23.23 -5.70 -0.21
CA PRO A 41 -24.13 -6.78 -0.66
C PRO A 41 -23.42 -7.82 -1.49
N VAL A 42 -23.72 -9.10 -1.25
CA VAL A 42 -23.02 -10.19 -1.94
C VAL A 42 -23.34 -10.20 -3.44
N ASP A 43 -24.50 -9.67 -3.82
CA ASP A 43 -24.92 -9.64 -5.21
C ASP A 43 -24.35 -8.46 -6.03
N SER A 44 -23.61 -7.59 -5.34
N SER A 44 -23.62 -7.57 -5.34
CA SER A 44 -23.03 -6.40 -5.99
CA SER A 44 -23.06 -6.38 -5.99
C SER A 44 -21.68 -6.67 -6.64
C SER A 44 -21.69 -6.65 -6.63
N PRO A 45 -21.54 -6.33 -7.93
CA PRO A 45 -20.24 -6.41 -8.61
C PRO A 45 -19.13 -5.66 -7.86
N ALA A 46 -19.46 -4.51 -7.25
CA ALA A 46 -18.49 -3.75 -6.45
C ALA A 46 -17.98 -4.61 -5.32
N THR A 47 -18.90 -5.24 -4.60
CA THR A 47 -18.48 -6.09 -3.47
C THR A 47 -17.67 -7.24 -4.01
N GLN A 48 -18.10 -7.81 -5.13
CA GLN A 48 -17.41 -8.98 -5.68
C GLN A 48 -15.97 -8.63 -6.11
N CYS A 49 -15.81 -7.50 -6.78
CA CYS A 49 -14.47 -7.10 -7.19
C CYS A 49 -13.62 -6.61 -6.03
N PHE A 50 -14.25 -5.97 -5.04
CA PHE A 50 -13.54 -5.58 -3.83
C PHE A 50 -12.95 -6.84 -3.18
N GLY A 51 -13.78 -7.84 -3.00
CA GLY A 51 -13.33 -9.11 -2.39
C GLY A 51 -12.22 -9.76 -3.21
N LYS A 52 -12.40 -9.86 -4.53
CA LYS A 52 -11.34 -10.42 -5.38
C LYS A 52 -10.01 -9.64 -5.19
N CYS A 53 -10.11 -8.31 -5.19
CA CYS A 53 -8.96 -7.42 -5.02
C CYS A 53 -8.16 -7.79 -3.78
N VAL A 54 -8.86 -7.91 -2.66
CA VAL A 54 -8.19 -8.22 -1.40
C VAL A 54 -7.55 -9.62 -1.46
N LEU A 55 -8.30 -10.58 -1.99
CA LEU A 55 -7.77 -11.93 -2.08
C LEU A 55 -6.53 -12.01 -2.98
N VAL A 56 -6.52 -11.24 -4.06
CA VAL A 56 -5.39 -11.27 -4.98
C VAL A 56 -4.16 -10.58 -4.36
N ARG A 57 -4.39 -9.41 -3.74
CA ARG A 57 -3.28 -8.69 -3.10
C ARG A 57 -2.64 -9.47 -1.95
N THR A 58 -3.45 -10.22 -1.19
CA THR A 58 -2.91 -11.01 -0.08
C THR A 58 -2.29 -12.31 -0.58
N GLY A 59 -2.66 -12.72 -1.79
CA GLY A 59 -2.20 -13.97 -2.36
C GLY A 59 -3.10 -15.16 -2.03
N LEU A 60 -4.22 -14.91 -1.33
CA LEU A 60 -5.16 -15.99 -1.03
C LEU A 60 -5.79 -16.59 -2.30
N TYR A 61 -5.91 -15.79 -3.34
CA TYR A 61 -6.33 -16.27 -4.63
C TYR A 61 -5.22 -15.97 -5.63
N ASP A 62 -4.82 -17.00 -6.36
CA ASP A 62 -3.74 -16.86 -7.33
C ASP A 62 -4.40 -16.90 -8.72
N PRO A 63 -4.47 -15.72 -9.39
CA PRO A 63 -5.18 -15.63 -10.66
C PRO A 63 -4.46 -16.33 -11.81
N VAL A 64 -3.18 -16.64 -11.62
CA VAL A 64 -2.39 -17.36 -12.63
C VAL A 64 -2.67 -18.87 -12.51
N ALA A 65 -2.63 -19.40 -11.28
CA ALA A 65 -2.97 -20.78 -10.97
C ALA A 65 -4.46 -21.02 -11.12
N GLN A 66 -5.24 -19.95 -11.04
CA GLN A 66 -6.70 -20.01 -10.99
C GLN A 66 -7.13 -20.89 -9.81
N LYS A 67 -6.48 -20.67 -8.67
CA LYS A 67 -6.77 -21.44 -7.45
C LYS A 67 -6.48 -20.61 -6.24
N PHE A 68 -7.15 -20.97 -5.14
CA PHE A 68 -6.81 -20.36 -3.85
C PHE A 68 -5.59 -21.03 -3.27
N ASP A 69 -4.88 -20.29 -2.42
CA ASP A 69 -3.62 -20.73 -1.89
C ASP A 69 -3.62 -20.51 -0.39
N ALA A 70 -3.75 -21.58 0.38
CA ALA A 70 -3.74 -21.44 1.85
C ALA A 70 -2.37 -21.15 2.46
N SER A 71 -1.31 -21.13 1.64
CA SER A 71 0.09 -20.86 2.12
C SER A 71 0.17 -19.55 2.90
N VAL A 72 -0.53 -18.51 2.42
CA VAL A 72 -0.39 -17.20 3.03
C VAL A 72 -0.97 -17.19 4.45
N ILE A 73 -2.00 -18.00 4.69
CA ILE A 73 -2.57 -18.14 6.05
C ILE A 73 -1.53 -18.69 7.01
N GLN A 74 -0.86 -19.76 6.61
CA GLN A 74 0.22 -20.35 7.42
C GLN A 74 1.40 -19.37 7.58
N GLU A 75 1.77 -18.66 6.52
CA GLU A 75 2.83 -17.62 6.60
C GLU A 75 2.44 -16.52 7.59
N GLN A 76 1.20 -16.07 7.52
CA GLN A 76 0.70 -15.02 8.39
C GLN A 76 0.73 -15.44 9.88
N PHE A 77 0.28 -16.66 10.14
CA PHE A 77 0.22 -17.16 11.52
C PHE A 77 1.61 -17.38 12.09
N LYS A 78 2.54 -17.85 11.25
CA LYS A 78 3.94 -17.99 11.64
C LYS A 78 4.53 -16.66 12.10
N ALA A 79 4.19 -15.59 11.38
CA ALA A 79 4.74 -14.25 11.69
C ALA A 79 4.04 -13.64 12.90
N TYR A 80 2.78 -14.04 13.14
CA TYR A 80 1.96 -13.42 14.19
C TYR A 80 1.28 -14.46 15.07
N PRO A 81 2.07 -15.19 15.87
CA PRO A 81 1.45 -16.28 16.62
C PRO A 81 0.37 -15.84 17.62
N SER A 82 0.42 -14.60 18.07
CA SER A 82 -0.56 -14.09 19.04
C SER A 82 -1.91 -13.85 18.41
N LEU A 83 -1.94 -13.83 17.07
CA LEU A 83 -3.15 -13.45 16.36
C LEU A 83 -4.02 -14.64 15.98
N GLY A 84 -3.64 -15.83 16.41
CA GLY A 84 -4.45 -16.99 16.11
C GLY A 84 -4.30 -18.09 17.13
N GLU A 85 -5.29 -19.00 17.12
CA GLU A 85 -5.26 -20.25 17.84
C GLU A 85 -5.02 -21.33 16.77
N LYS A 86 -4.00 -22.17 16.98
CA LYS A 86 -3.57 -23.11 15.94
C LYS A 86 -4.72 -23.90 15.34
N SER A 87 -5.56 -24.49 16.19
CA SER A 87 -6.67 -25.31 15.68
C SER A 87 -7.62 -24.51 14.78
N LYS A 88 -7.82 -23.23 15.09
CA LYS A 88 -8.70 -22.36 14.31
C LYS A 88 -8.04 -21.92 13.01
N VAL A 89 -6.76 -21.62 13.10
CA VAL A 89 -6.00 -21.26 11.88
C VAL A 89 -5.97 -22.46 10.93
N GLU A 90 -5.74 -23.65 11.49
CA GLU A 90 -5.72 -24.87 10.70
C GLU A 90 -7.07 -25.11 10.01
N ALA A 91 -8.17 -24.85 10.72
CA ALA A 91 -9.50 -25.02 10.15
C ALA A 91 -9.73 -24.10 8.96
N TYR A 92 -9.30 -22.84 9.13
CA TYR A 92 -9.40 -21.81 8.11
C TYR A 92 -8.54 -22.16 6.89
N ALA A 93 -7.28 -22.52 7.11
CA ALA A 93 -6.38 -22.94 6.03
C ALA A 93 -6.95 -24.16 5.29
N ASN A 94 -7.55 -25.09 6.04
CA ASN A 94 -8.12 -26.31 5.46
C ASN A 94 -9.30 -25.99 4.53
N ALA A 95 -10.16 -25.07 4.95
CA ALA A 95 -11.31 -24.60 4.14
C ALA A 95 -10.82 -24.00 2.84
N VAL A 96 -9.77 -23.19 2.91
CA VAL A 96 -9.19 -22.58 1.70
C VAL A 96 -8.52 -23.64 0.81
N LYS A 97 -7.80 -24.56 1.42
CA LYS A 97 -7.12 -25.63 0.67
C LYS A 97 -8.10 -26.46 -0.15
N GLN A 98 -9.31 -26.62 0.38
CA GLN A 98 -10.30 -27.51 -0.19
C GLN A 98 -11.27 -26.83 -1.16
N LEU A 99 -11.16 -25.50 -1.31
CA LEU A 99 -11.89 -24.81 -2.36
C LEU A 99 -11.47 -25.34 -3.74
N PRO A 100 -12.41 -25.44 -4.68
CA PRO A 100 -12.06 -25.95 -5.99
C PRO A 100 -11.28 -24.91 -6.79
N SER A 101 -10.66 -25.36 -7.89
CA SER A 101 -10.09 -24.40 -8.83
C SER A 101 -11.20 -23.47 -9.26
N THR A 102 -10.87 -22.19 -9.38
CA THR A 102 -11.88 -21.15 -9.60
C THR A 102 -11.43 -20.19 -10.68
N ASN A 103 -12.32 -19.88 -11.62
CA ASN A 103 -12.04 -18.89 -12.66
C ASN A 103 -11.71 -17.51 -12.08
N ASN A 104 -10.93 -16.75 -12.83
CA ASN A 104 -10.41 -15.47 -12.50
CA ASN A 104 -10.50 -15.46 -12.38
C ASN A 104 -11.36 -14.34 -12.93
N ASP A 105 -12.58 -14.37 -12.49
CA ASP A 105 -13.49 -13.24 -12.59
C ASP A 105 -14.00 -12.94 -11.18
N CYS A 106 -14.36 -11.67 -10.94
CA CYS A 106 -14.76 -11.23 -9.60
C CYS A 106 -15.90 -12.05 -9.02
N ALA A 107 -16.95 -12.29 -9.80
CA ALA A 107 -18.09 -13.05 -9.30
C ALA A 107 -17.71 -14.46 -8.86
N ALA A 108 -16.92 -15.17 -9.67
CA ALA A 108 -16.51 -16.56 -9.34
C ALA A 108 -15.62 -16.60 -8.09
N VAL A 109 -14.61 -15.75 -8.06
CA VAL A 109 -13.70 -15.68 -6.91
C VAL A 109 -14.47 -15.34 -5.61
N PHE A 110 -15.30 -14.30 -5.67
CA PHE A 110 -16.06 -13.89 -4.50
C PHE A 110 -17.00 -15.01 -4.04
N LYS A 111 -17.74 -15.61 -4.97
CA LYS A 111 -18.71 -16.64 -4.61
C LYS A 111 -18.01 -17.84 -3.93
N ALA A 112 -16.86 -18.25 -4.45
CA ALA A 112 -16.09 -19.37 -3.89
C ALA A 112 -15.61 -19.08 -2.47
N TYR A 113 -15.06 -17.88 -2.25
CA TYR A 113 -14.51 -17.54 -0.93
C TYR A 113 -15.55 -17.16 0.14
N ASP A 114 -16.71 -16.66 -0.28
CA ASP A 114 -17.65 -16.09 0.67
C ASP A 114 -18.00 -17.06 1.81
N PRO A 115 -18.30 -18.35 1.48
CA PRO A 115 -18.55 -19.27 2.60
C PRO A 115 -17.39 -19.40 3.60
N VAL A 116 -16.16 -19.36 3.11
CA VAL A 116 -14.98 -19.41 3.99
C VAL A 116 -14.90 -18.16 4.85
N HIS A 117 -15.09 -17.00 4.22
CA HIS A 117 -15.12 -15.73 4.94
C HIS A 117 -16.12 -15.78 6.10
N LYS A 118 -17.32 -16.27 5.82
CA LYS A 118 -18.33 -16.33 6.88
C LYS A 118 -18.04 -17.40 7.95
N ALA A 119 -17.52 -18.56 7.54
CA ALA A 119 -17.25 -19.67 8.48
C ALA A 119 -16.01 -19.39 9.32
N HIS A 120 -15.18 -18.45 8.86
CA HIS A 120 -13.86 -18.19 9.48
C HIS A 120 -13.59 -16.71 9.66
N LYS A 121 -14.65 -15.94 9.88
CA LYS A 121 -14.56 -14.48 9.88
C LYS A 121 -13.60 -14.00 10.94
N ASP A 122 -13.84 -14.42 12.19
CA ASP A 122 -13.00 -13.92 13.28
C ASP A 122 -11.56 -14.40 13.17
N THR A 123 -11.38 -15.65 12.73
CA THR A 123 -10.05 -16.22 12.53
C THR A 123 -9.25 -15.37 11.50
N SER A 124 -9.89 -15.10 10.36
CA SER A 124 -9.23 -14.34 9.30
C SER A 124 -9.03 -12.87 9.69
N LYS A 125 -10.04 -12.29 10.32
CA LYS A 125 -9.98 -10.89 10.76
C LYS A 125 -8.86 -10.67 11.78
N ASN A 126 -8.73 -11.58 12.74
CA ASN A 126 -7.64 -11.46 13.71
C ASN A 126 -6.28 -11.63 13.04
N LEU A 127 -6.15 -12.64 12.18
CA LEU A 127 -4.88 -12.98 11.55
C LEU A 127 -4.34 -11.89 10.63
N PHE A 128 -5.24 -11.23 9.94
CA PHE A 128 -4.85 -10.25 8.92
C PHE A 128 -5.06 -8.80 9.36
N HIS A 129 -4.93 -8.58 10.66
CA HIS A 129 -4.84 -7.22 11.23
C HIS A 129 -6.13 -6.45 11.01
N GLY A 130 -7.24 -7.16 11.20
CA GLY A 130 -8.56 -6.58 11.07
C GLY A 130 -9.23 -6.39 12.42
N ASN A 131 -8.63 -6.92 13.47
CA ASN A 131 -9.17 -6.75 14.82
C ASN A 131 -8.58 -5.46 15.40
N LYS A 132 -9.42 -4.46 15.61
CA LYS A 132 -8.95 -3.12 16.01
C LYS A 132 -8.20 -3.14 17.33
N GLU A 133 -8.70 -3.92 18.29
CA GLU A 133 -8.04 -4.04 19.60
C GLU A 133 -6.65 -4.70 19.48
N LEU A 134 -6.55 -5.82 18.78
CA LEU A 134 -5.24 -6.50 18.64
C LEU A 134 -4.26 -5.65 17.84
N THR A 135 -4.79 -4.96 16.83
CA THR A 135 -3.95 -4.19 15.92
C THR A 135 -3.43 -2.95 16.65
N LYS A 136 -4.28 -2.33 17.48
CA LYS A 136 -3.85 -1.20 18.31
C LYS A 136 -2.65 -1.62 19.16
N GLY A 137 -2.73 -2.81 19.75
CA GLY A 137 -1.63 -3.39 20.54
C GLY A 137 -0.34 -3.49 19.75
N LEU A 138 -0.42 -4.04 18.54
CA LEU A 138 0.78 -4.21 17.70
C LEU A 138 1.36 -2.85 17.31
N TYR A 139 0.51 -1.90 16.92
CA TYR A 139 0.98 -0.55 16.57
C TYR A 139 1.70 0.12 17.75
N GLU A 140 1.18 -0.08 18.95
CA GLU A 140 1.83 0.47 20.16
C GLU A 140 3.18 -0.19 20.43
N LYS A 141 3.26 -1.51 20.26
CA LYS A 141 4.53 -2.23 20.41
C LYS A 141 5.56 -1.76 19.40
N LEU A 142 5.12 -1.59 18.14
CA LEU A 142 6.04 -1.19 17.05
C LEU A 142 6.45 0.28 17.13
N GLY A 143 5.53 1.14 17.56
CA GLY A 143 5.78 2.59 17.65
C GLY A 143 6.46 3.16 16.42
N LYS A 144 7.63 3.78 16.62
CA LYS A 144 8.33 4.48 15.53
C LYS A 144 8.80 3.56 14.40
N ASP A 145 8.75 2.26 14.62
CA ASP A 145 9.31 1.31 13.68
C ASP A 145 8.36 0.87 12.55
N ILE A 146 7.10 1.31 12.64
CA ILE A 146 6.13 1.08 11.55
C ILE A 146 5.42 2.40 11.30
N ARG A 147 5.06 2.67 10.05
CA ARG A 147 4.19 3.81 9.77
C ARG A 147 2.88 3.62 10.54
N GLN A 148 2.48 4.67 11.26
CA GLN A 148 1.28 4.64 12.10
C GLN A 148 0.08 5.18 11.33
N LYS A 149 -1.13 4.82 11.77
CA LYS A 149 -2.32 5.41 11.18
C LYS A 149 -2.27 6.92 11.36
N LYS A 150 -2.67 7.65 10.32
CA LYS A 150 -2.69 9.13 10.37
C LYS A 150 -1.28 9.78 10.31
N GLN A 151 -0.26 8.98 9.99
CA GLN A 151 1.12 9.50 9.83
C GLN A 151 1.52 9.46 8.35
N SER A 152 1.93 10.60 7.82
CA SER A 152 2.54 10.63 6.50
C SER A 152 3.60 9.52 6.37
N TYR A 153 3.59 8.75 5.28
CA TYR A 153 4.63 7.74 5.12
C TYR A 153 6.01 8.40 4.98
N PHE A 154 6.03 9.56 4.31
CA PHE A 154 7.28 10.31 4.15
C PHE A 154 7.85 10.67 5.52
N GLU A 155 6.98 11.13 6.43
CA GLU A 155 7.43 11.47 7.76
CA GLU A 155 7.36 11.47 7.81
C GLU A 155 7.96 10.28 8.54
N PHE A 156 7.30 9.14 8.39
CA PHE A 156 7.76 7.91 8.99
C PHE A 156 9.22 7.64 8.59
N CYS A 157 9.51 7.71 7.28
CA CYS A 157 10.86 7.46 6.80
C CYS A 157 11.83 8.54 7.27
N GLU A 158 11.45 9.81 7.12
CA GLU A 158 12.28 10.93 7.58
C GLU A 158 12.69 10.75 9.06
N ASN A 159 11.74 10.34 9.89
CA ASN A 159 12.03 10.21 11.32
C ASN A 159 13.01 9.09 11.63
N LYS A 160 12.97 8.05 10.81
CA LYS A 160 13.83 6.91 10.95
C LYS A 160 15.28 7.26 10.59
N TYR A 161 15.46 8.03 9.52
CA TYR A 161 16.78 8.22 8.92
C TYR A 161 17.41 9.55 9.27
N TYR A 162 16.55 10.55 9.53
CA TYR A 162 16.98 11.90 9.89
C TYR A 162 16.24 12.33 11.16
N PRO A 163 16.53 11.67 12.28
CA PRO A 163 15.68 11.87 13.45
C PRO A 163 15.69 13.29 14.03
N ALA A 164 14.53 13.72 14.48
CA ALA A 164 14.44 14.98 15.23
C ALA A 164 15.41 14.94 16.41
N GLY A 165 16.01 16.09 16.69
CA GLY A 165 16.97 16.22 17.77
C GLY A 165 18.41 15.85 17.40
N SER A 166 18.59 15.22 16.23
CA SER A 166 19.91 14.76 15.81
C SER A 166 20.56 15.78 14.88
N ASP A 167 21.87 15.61 14.65
CA ASP A 167 22.57 16.50 13.72
C ASP A 167 22.24 16.20 12.25
N LYS A 168 21.40 15.20 12.02
CA LYS A 168 20.94 14.80 10.67
C LYS A 168 19.67 15.54 10.24
N ARG A 169 18.91 16.03 11.21
CA ARG A 169 17.58 16.57 10.94
C ARG A 169 17.61 17.69 9.91
N GLN A 170 18.64 18.53 10.01
CA GLN A 170 18.85 19.66 9.09
C GLN A 170 18.85 19.30 7.60
N GLN A 171 19.19 18.04 7.28
CA GLN A 171 19.25 17.62 5.87
C GLN A 171 17.86 17.60 5.22
N LEU A 172 16.81 17.56 6.05
CA LEU A 172 15.44 17.56 5.52
C LEU A 172 15.13 18.83 4.71
N CYS A 173 15.77 19.95 5.06
CA CYS A 173 15.62 21.22 4.29
C CYS A 173 15.90 21.02 2.79
N GLN A 174 16.98 20.32 2.49
CA GLN A 174 17.36 20.04 1.11
C GLN A 174 16.53 18.88 0.53
N ILE A 175 16.41 17.82 1.32
CA ILE A 175 15.67 16.61 0.92
C ILE A 175 14.25 16.93 0.50
N ARG A 176 13.56 17.73 1.32
CA ARG A 176 12.18 18.11 1.00
C ARG A 176 12.03 19.02 -0.22
N GLN A 177 13.12 19.64 -0.66
CA GLN A 177 13.17 20.45 -1.89
C GLN A 177 13.66 19.64 -3.10
N TYR A 178 13.56 18.31 -3.02
CA TYR A 178 13.93 17.43 -4.14
C TYR A 178 15.43 17.44 -4.54
N THR A 179 16.26 17.84 -3.59
CA THR A 179 17.72 17.69 -3.74
C THR A 179 18.05 16.21 -3.64
N VAL A 180 18.68 15.68 -4.68
CA VAL A 180 19.09 14.27 -4.66
C VAL A 180 20.49 14.16 -4.05
N LEU A 181 20.56 13.58 -2.84
CA LEU A 181 21.84 13.32 -2.19
C LEU A 181 22.42 11.99 -2.68
N ASP A 182 23.70 11.76 -2.41
CA ASP A 182 24.46 10.62 -2.93
C ASP A 182 24.88 9.58 -1.90
N ASP A 183 24.66 9.85 -0.62
CA ASP A 183 25.22 9.02 0.43
C ASP A 183 24.33 7.83 0.75
N ALA A 184 24.92 6.82 1.40
CA ALA A 184 24.22 5.58 1.75
C ALA A 184 22.95 5.83 2.57
N LEU A 185 23.02 6.77 3.50
CA LEU A 185 21.86 7.07 4.37
C LEU A 185 20.66 7.55 3.51
N PHE A 186 20.90 8.47 2.60
CA PHE A 186 19.84 8.95 1.71
C PHE A 186 19.30 7.85 0.80
N LYS A 187 20.19 6.97 0.31
CA LYS A 187 19.71 5.86 -0.54
C LYS A 187 18.78 4.95 0.29
N GLU A 188 19.11 4.73 1.56
CA GLU A 188 18.27 3.91 2.42
C GLU A 188 16.93 4.59 2.71
N HIS A 189 16.97 5.89 2.96
CA HIS A 189 15.76 6.67 3.18
C HIS A 189 14.87 6.64 1.95
N THR A 190 15.48 6.82 0.78
CA THR A 190 14.72 6.84 -0.47
C THR A 190 14.09 5.45 -0.77
N ASP A 191 14.80 4.40 -0.40
CA ASP A 191 14.25 3.04 -0.46
C ASP A 191 13.03 2.91 0.45
N CYS A 192 13.12 3.44 1.68
CA CYS A 192 11.98 3.47 2.60
C CYS A 192 10.76 4.13 1.96
N VAL A 193 10.97 5.30 1.36
CA VAL A 193 9.87 6.07 0.78
C VAL A 193 9.32 5.40 -0.47
N MET A 194 10.21 5.00 -1.38
CA MET A 194 9.77 4.44 -2.66
C MET A 194 9.01 3.13 -2.46
N LYS A 195 9.43 2.34 -1.48
CA LYS A 195 8.72 1.10 -1.20
C LYS A 195 7.43 1.38 -0.44
N GLY A 196 7.45 2.39 0.42
CA GLY A 196 6.26 2.76 1.19
C GLY A 196 5.10 3.25 0.34
N ILE A 197 5.40 3.90 -0.76
CA ILE A 197 4.33 4.33 -1.69
C ILE A 197 4.20 3.39 -2.89
N ARG A 198 4.86 2.24 -2.79
CA ARG A 198 4.68 1.12 -3.71
C ARG A 198 5.20 1.36 -5.13
N TYR A 199 6.07 2.38 -5.31
CA TYR A 199 6.72 2.59 -6.62
C TYR A 199 7.75 1.50 -6.87
N ILE A 200 8.29 0.99 -5.78
CA ILE A 200 9.20 -0.15 -5.79
C ILE A 200 8.57 -1.26 -4.94
N THR A 201 8.58 -2.48 -5.47
CA THR A 201 7.97 -3.62 -4.81
C THR A 201 8.88 -4.15 -3.71
N LYS A 202 8.34 -5.06 -2.90
CA LYS A 202 9.10 -5.67 -1.81
C LYS A 202 10.34 -6.39 -2.35
N ASP A 203 10.23 -6.91 -3.57
CA ASP A 203 11.36 -7.56 -4.25
C ASP A 203 12.22 -6.62 -5.09
N ASN A 204 12.20 -5.33 -4.76
CA ASN A 204 13.03 -4.31 -5.42
C ASN A 204 12.80 -4.19 -6.91
N GLN A 205 11.55 -4.31 -7.36
CA GLN A 205 11.24 -4.09 -8.77
C GLN A 205 10.43 -2.80 -8.93
N LEU A 206 10.69 -2.08 -10.01
CA LEU A 206 9.89 -0.90 -10.36
C LEU A 206 8.46 -1.34 -10.67
N ASP A 207 7.49 -0.60 -10.14
CA ASP A 207 6.08 -0.77 -10.52
C ASP A 207 5.61 0.46 -11.26
N VAL A 208 5.71 0.41 -12.58
CA VAL A 208 5.36 1.56 -13.41
C VAL A 208 3.89 1.96 -13.24
N GLU A 209 3.04 0.97 -13.03
CA GLU A 209 1.61 1.26 -12.86
C GLU A 209 1.31 2.12 -11.61
N GLU A 210 2.07 1.95 -10.54
CA GLU A 210 1.88 2.75 -9.33
C GLU A 210 2.26 4.22 -9.59
N VAL A 211 3.38 4.43 -10.28
CA VAL A 211 3.82 5.78 -10.64
C VAL A 211 2.75 6.43 -11.52
N LYS A 212 2.28 5.69 -12.53
CA LYS A 212 1.25 6.17 -13.43
C LYS A 212 -0.03 6.57 -12.70
N ARG A 213 -0.41 5.75 -11.71
CA ARG A 213 -1.59 5.98 -10.88
C ARG A 213 -1.50 7.39 -10.26
N ASP A 214 -0.33 7.74 -9.73
CA ASP A 214 -0.15 9.03 -9.06
C ASP A 214 -0.12 10.21 -10.06
N PHE A 215 0.46 9.99 -11.25
CA PHE A 215 0.42 11.01 -12.29
C PHE A 215 -1.02 11.35 -12.70
N LYS A 216 -1.83 10.31 -12.82
CA LYS A 216 -3.22 10.41 -13.25
C LYS A 216 -4.08 11.15 -12.22
N LEU A 217 -3.72 10.82 -10.94
CA LEU A 217 -4.35 11.49 -9.80
C LEU A 217 -4.10 12.99 -9.76
N VAL A 218 -3.03 13.47 -10.40
CA VAL A 218 -2.80 14.93 -10.56
C VAL A 218 -3.02 15.36 -11.99
N ASN A 219 -3.85 14.57 -12.67
CA ASN A 219 -4.38 14.96 -13.98
C ASN A 219 -3.32 15.14 -15.08
N LYS A 220 -2.36 14.22 -15.10
CA LYS A 220 -1.31 14.21 -16.12
C LYS A 220 -1.44 12.98 -17.04
N ASP A 221 -1.02 13.16 -18.29
CA ASP A 221 -0.84 12.07 -19.22
C ASP A 221 0.41 11.31 -18.82
N THR A 222 0.51 10.03 -19.15
CA THR A 222 1.65 9.21 -18.72
C THR A 222 2.57 8.68 -19.84
N LYS A 223 2.39 9.15 -21.07
CA LYS A 223 3.23 8.68 -22.18
C LYS A 223 4.68 9.06 -21.93
N ALA A 224 4.92 10.34 -21.64
CA ALA A 224 6.28 10.80 -21.37
C ALA A 224 6.88 10.10 -20.15
N LEU A 225 6.07 9.93 -19.09
CA LEU A 225 6.50 9.18 -17.92
C LEU A 225 6.96 7.76 -18.27
N GLU A 226 6.15 7.04 -19.05
CA GLU A 226 6.55 5.68 -19.44
C GLU A 226 7.88 5.68 -20.21
N GLU A 227 8.05 6.65 -21.12
CA GLU A 227 9.29 6.79 -21.89
C GLU A 227 10.49 7.02 -20.97
N VAL A 228 10.32 7.93 -20.01
CA VAL A 228 11.38 8.22 -19.04
C VAL A 228 11.74 6.98 -18.22
N LEU A 229 10.73 6.28 -17.72
CA LEU A 229 11.00 5.08 -16.90
C LEU A 229 11.66 3.96 -17.70
N ASN A 230 11.31 3.83 -18.99
CA ASN A 230 11.94 2.83 -19.87
C ASN A 230 13.45 3.11 -19.99
N ASP A 231 13.78 4.38 -20.19
CA ASP A 231 15.17 4.83 -20.22
CA ASP A 231 15.13 4.78 -20.14
C ASP A 231 15.88 4.57 -18.86
N CYS A 232 15.23 4.95 -17.77
CA CYS A 232 15.77 4.73 -16.42
C CYS A 232 16.04 3.24 -16.18
N LYS A 233 15.11 2.39 -16.62
CA LYS A 233 15.23 0.96 -16.38
C LYS A 233 16.43 0.35 -17.11
N SER A 234 16.73 0.88 -18.29
CA SER A 234 17.90 0.40 -19.06
C SER A 234 19.24 0.70 -18.36
N LYS A 235 19.20 1.51 -17.29
CA LYS A 235 20.40 1.90 -16.53
C LYS A 235 20.32 1.54 -15.06
N GLU A 236 19.38 0.67 -14.72
CA GLU A 236 19.18 0.17 -13.37
C GLU A 236 20.49 -0.41 -12.83
N PRO A 237 20.92 0.01 -11.61
CA PRO A 237 22.14 -0.52 -11.00
C PRO A 237 21.92 -1.95 -10.48
N SER A 238 22.97 -2.78 -10.51
CA SER A 238 22.87 -4.17 -10.07
C SER A 238 22.66 -4.29 -8.55
N ASN A 239 23.29 -3.40 -7.78
CA ASN A 239 23.10 -3.32 -6.34
C ASN A 239 21.64 -3.08 -5.96
N ALA A 240 21.00 -4.09 -5.37
CA ALA A 240 19.58 -4.01 -5.03
C ALA A 240 19.29 -2.83 -4.10
N LYS A 241 20.24 -2.52 -3.22
CA LYS A 241 20.13 -1.43 -2.23
C LYS A 241 19.91 -0.05 -2.85
N GLU A 242 20.29 0.09 -4.12
CA GLU A 242 20.29 1.40 -4.79
C GLU A 242 19.19 1.57 -5.84
N LYS A 243 18.38 0.53 -6.04
CA LYS A 243 17.33 0.56 -7.07
C LYS A 243 16.33 1.70 -6.83
N SER A 244 15.82 1.82 -5.61
CA SER A 244 14.82 2.85 -5.31
C SER A 244 15.41 4.22 -5.55
N TRP A 245 16.59 4.43 -5.00
CA TRP A 245 17.29 5.71 -5.19
C TRP A 245 17.50 5.99 -6.69
N HIS A 246 17.91 4.97 -7.44
CA HIS A 246 18.16 5.14 -8.87
C HIS A 246 16.92 5.72 -9.57
N TYR A 247 15.76 5.13 -9.33
CA TYR A 247 14.55 5.62 -10.01
C TYR A 247 14.10 7.00 -9.53
N TYR A 248 14.22 7.25 -8.22
CA TYR A 248 13.93 8.59 -7.67
C TYR A 248 14.78 9.67 -8.34
N LYS A 249 16.10 9.44 -8.34
CA LYS A 249 17.03 10.38 -8.97
C LYS A 249 16.71 10.60 -10.44
N CYS A 250 16.50 9.51 -11.17
CA CYS A 250 16.22 9.56 -12.61
C CYS A 250 14.95 10.38 -12.88
N LEU A 251 13.90 10.14 -12.10
CA LEU A 251 12.65 10.91 -12.24
C LEU A 251 12.83 12.40 -11.95
N VAL A 252 13.49 12.70 -10.83
CA VAL A 252 13.74 14.08 -10.44
C VAL A 252 14.60 14.84 -11.47
N GLU A 253 15.46 14.13 -12.17
CA GLU A 253 16.36 14.77 -13.14
C GLU A 253 15.85 14.74 -14.57
N SER A 254 14.66 14.20 -14.76
CA SER A 254 14.15 13.88 -16.09
C SER A 254 13.27 15.00 -16.68
N SER A 255 12.89 14.82 -17.95
CA SER A 255 11.97 15.73 -18.63
C SER A 255 10.54 15.69 -18.05
N VAL A 256 10.25 14.75 -17.13
CA VAL A 256 8.94 14.79 -16.41
C VAL A 256 9.04 15.29 -14.95
N LYS A 257 10.16 15.96 -14.63
CA LYS A 257 10.45 16.29 -13.23
C LYS A 257 9.35 17.12 -12.56
N ASP A 258 8.79 18.09 -13.27
CA ASP A 258 7.77 18.94 -12.66
C ASP A 258 6.48 18.16 -12.36
N ASP A 259 6.04 17.39 -13.34
CA ASP A 259 4.88 16.53 -13.14
C ASP A 259 5.16 15.52 -12.04
N PHE A 260 6.38 15.00 -12.00
CA PHE A 260 6.74 14.02 -10.97
C PHE A 260 6.61 14.62 -9.57
N LYS A 261 7.22 15.80 -9.38
CA LYS A 261 7.14 16.49 -8.08
C LYS A 261 5.71 16.75 -7.71
N GLU A 262 4.90 17.18 -8.69
CA GLU A 262 3.49 17.41 -8.41
C GLU A 262 2.77 16.13 -7.93
N ALA A 263 3.03 15.02 -8.62
CA ALA A 263 2.37 13.73 -8.31
C ALA A 263 2.83 13.19 -6.94
N PHE A 264 4.13 13.33 -6.70
CA PHE A 264 4.78 12.82 -5.48
C PHE A 264 4.31 13.64 -4.27
N ASP A 265 4.18 14.97 -4.45
CA ASP A 265 3.64 15.85 -3.40
C ASP A 265 2.24 15.44 -2.98
N TYR A 266 1.39 15.16 -3.98
CA TYR A 266 0.02 14.74 -3.72
C TYR A 266 -0.02 13.37 -3.07
N ARG A 267 0.85 12.46 -3.53
CA ARG A 267 0.97 11.14 -2.90
C ARG A 267 1.33 11.30 -1.42
N GLU A 268 2.28 12.19 -1.11
CA GLU A 268 2.64 12.42 0.29
CA GLU A 268 2.63 12.39 0.30
C GLU A 268 1.40 12.77 1.13
N VAL A 269 0.61 13.72 0.63
CA VAL A 269 -0.60 14.16 1.31
C VAL A 269 -1.55 12.96 1.55
N ARG A 270 -1.75 12.16 0.51
CA ARG A 270 -2.67 11.00 0.60
C ARG A 270 -2.11 9.87 1.46
N SER A 271 -0.78 9.82 1.60
CA SER A 271 -0.17 8.77 2.41
C SER A 271 -0.44 9.01 3.89
N GLN A 272 -0.86 10.22 4.24
CA GLN A 272 -1.12 10.58 5.65
C GLN A 272 -2.44 9.98 6.19
N ILE A 273 -3.37 9.71 5.30
CA ILE A 273 -4.64 9.05 5.66
C ILE A 273 -4.97 8.08 4.54
N TYR A 274 -4.81 6.78 4.81
CA TYR A 274 -4.96 5.79 3.76
C TYR A 274 -6.34 5.82 3.13
N ALA A 275 -7.34 6.16 3.94
CA ALA A 275 -8.74 6.24 3.50
C ALA A 275 -9.12 7.62 2.92
N PHE A 276 -8.11 8.34 2.44
CA PHE A 276 -8.25 9.69 1.91
C PHE A 276 -9.45 9.84 0.97
N ASN A 277 -9.60 8.89 0.07
CA ASN A 277 -10.61 8.94 -1.00
C ASN A 277 -11.87 8.10 -0.73
N LEU A 278 -11.94 7.48 0.44
CA LEU A 278 -13.00 6.48 0.66
C LEU A 278 -14.41 7.05 0.82
N PRO A 279 -14.60 8.01 1.74
CA PRO A 279 -15.95 8.57 1.91
C PRO A 279 -16.49 9.18 0.61
N LYS A 280 -15.64 9.90 -0.11
CA LYS A 280 -15.94 10.36 -1.48
C LYS A 280 -14.61 10.59 -2.18
N ASN A 281 -14.50 10.13 -3.43
CA ASN A 281 -13.26 10.29 -4.16
C ASN A 281 -13.04 11.75 -4.52
N GLN A 282 -12.05 12.35 -3.84
CA GLN A 282 -11.78 13.80 -3.89
C GLN A 282 -11.14 14.24 -5.21
N ALA A 283 -11.65 15.31 -5.83
CA ALA A 283 -10.99 15.88 -7.00
C ALA A 283 -9.69 16.55 -6.55
N TYR A 284 -8.68 16.44 -7.39
CA TYR A 284 -7.45 17.15 -7.20
C TYR A 284 -7.50 18.50 -7.92
N SER A 285 -7.12 19.55 -7.21
CA SER A 285 -6.58 20.75 -7.80
C SER A 285 -5.23 21.13 -7.17
N LYS A 286 -4.34 21.60 -8.03
CA LYS A 286 -2.98 21.96 -7.69
C LYS A 286 -2.97 22.96 -6.53
N PRO A 287 -2.25 22.63 -5.45
CA PRO A 287 -2.26 23.52 -4.28
C PRO A 287 -1.52 24.82 -4.55
N ALA A 288 -1.84 25.85 -3.76
CA ALA A 288 -1.10 27.12 -3.79
C ALA A 288 0.36 26.87 -3.40
N VAL A 289 1.28 27.54 -4.11
CA VAL A 289 2.71 27.32 -3.86
C VAL A 289 3.24 28.24 -2.77
N MET A 294 10.74 27.40 4.10
CA MET A 294 10.56 26.06 4.65
C MET A 294 11.03 25.98 6.11
N GLU A 295 10.31 25.18 6.90
CA GLU A 295 10.67 24.93 8.28
C GLU A 295 10.65 23.44 8.58
N ILE A 296 11.57 23.01 9.45
CA ILE A 296 11.56 21.64 9.97
C ILE A 296 11.39 21.73 11.49
N ASP A 297 10.36 21.04 11.99
CA ASP A 297 9.99 21.06 13.41
C ASP A 297 9.85 22.50 13.94
N GLY A 298 9.34 23.39 13.08
CA GLY A 298 9.18 24.80 13.44
C GLY A 298 10.44 25.64 13.33
N LYS A 299 11.54 25.02 12.91
CA LYS A 299 12.80 25.74 12.75
C LYS A 299 13.08 26.07 11.29
N GLN A 300 13.21 27.38 11.03
CA GLN A 300 13.48 27.88 9.69
C GLN A 300 14.70 27.20 9.07
N CYS A 301 14.56 26.87 7.79
CA CYS A 301 15.66 26.34 7.00
C CYS A 301 16.56 27.48 6.52
N PRO A 302 17.89 27.25 6.48
CA PRO A 302 18.78 28.27 5.91
C PRO A 302 18.41 28.57 4.45
#